data_7NLP
#
_entry.id   7NLP
#
_cell.length_a   174.058
_cell.length_b   174.058
_cell.length_c   71.154
_cell.angle_alpha   90.000
_cell.angle_beta   90.000
_cell.angle_gamma   120.000
#
_symmetry.space_group_name_H-M   'H 3 2'
#
loop_
_entity.id
_entity.type
_entity.pdbx_description
1 polymer 'Acetylglutamate kinase'
2 non-polymer L-CANAVANINE
3 non-polymer 'SULFATE ION'
4 water water
#
_entity_poly.entity_id   1
_entity_poly.type   'polypeptide(L)'
_entity_poly.pdbx_seq_one_letter_code
;GSMVSRIEALPTHIKAQVLAEALPWLKQLHGKVVVVKYGGNAMTDDTLRRAFAADMAFLRNCGIHPVVVHGGGPQITAML
RRLGIEGDFKGGFRVTTPEVLDVARMVLFGQVGRELVNLINAHGPYAVGITGEDAQLFTAVRRSVTVDGVATDIGLVGDV
DQVNTAAMLDLVAAGRIPVVSTLAPDADGVVHNINADTAAAAVAEALGAEKLLMLTDIDGLYTRWPDRDSLVSEIDTGTL
AQLLPTLESGMVPKVEACLRAVIGGVPSAHIIDGRVTHCVLVELFTDAGTGTKVVRG
;
_entity_poly.pdbx_strand_id   A
#
# COMPACT_ATOMS: atom_id res chain seq x y z
N ARG A 6 19.85 18.62 -15.26
CA ARG A 6 19.33 19.79 -15.97
C ARG A 6 18.42 20.61 -15.06
N ILE A 7 18.78 20.65 -13.78
CA ILE A 7 18.01 21.36 -12.77
C ILE A 7 18.82 22.43 -12.06
N GLU A 8 20.14 22.42 -12.20
CA GLU A 8 20.90 23.65 -12.01
C GLU A 8 20.31 24.76 -12.87
N ALA A 9 19.93 24.46 -14.09
CA ALA A 9 19.40 25.48 -14.98
C ALA A 9 18.08 26.07 -14.56
N LEU A 10 17.50 25.55 -13.50
CA LEU A 10 16.20 25.99 -13.02
C LEU A 10 16.36 27.31 -12.26
N PRO A 11 15.68 28.38 -12.67
CA PRO A 11 15.86 29.66 -11.98
C PRO A 11 15.38 29.54 -10.54
N THR A 12 16.03 30.29 -9.66
CA THR A 12 15.77 30.11 -8.25
C THR A 12 14.34 30.47 -7.88
N HIS A 13 13.70 31.38 -8.63
CA HIS A 13 12.34 31.76 -8.28
C HIS A 13 11.32 30.69 -8.67
N ILE A 14 11.69 29.76 -9.57
CA ILE A 14 10.85 28.60 -9.84
C ILE A 14 11.01 27.55 -8.75
N LYS A 15 12.25 27.29 -8.31
CA LYS A 15 12.45 26.41 -7.17
C LYS A 15 11.69 26.93 -5.95
N ALA A 16 11.68 28.25 -5.78
CA ALA A 16 10.94 28.87 -4.67
C ALA A 16 9.48 28.51 -4.74
N GLN A 17 8.86 28.64 -5.91
CA GLN A 17 7.42 28.43 -5.98
C GLN A 17 7.05 26.95 -5.87
N VAL A 18 7.92 26.04 -6.32
CA VAL A 18 7.60 24.63 -6.11
C VAL A 18 7.60 24.32 -4.61
N LEU A 19 8.66 24.75 -3.91
CA LEU A 19 8.74 24.53 -2.47
C LEU A 19 7.56 25.17 -1.75
N ALA A 20 7.28 26.45 -2.04
CA ALA A 20 6.20 27.15 -1.34
C ALA A 20 4.86 26.45 -1.53
N GLU A 21 4.62 25.88 -2.72
CA GLU A 21 3.32 25.22 -2.98
C GLU A 21 3.12 24.00 -2.08
N ALA A 22 4.18 23.48 -1.48
CA ALA A 22 4.06 22.37 -0.52
C ALA A 22 3.44 22.79 0.81
N LEU A 23 3.42 24.09 1.13
CA LEU A 23 3.05 24.52 2.49
C LEU A 23 1.70 23.96 2.94
N PRO A 24 0.59 24.15 2.22
CA PRO A 24 -0.68 23.67 2.75
C PRO A 24 -0.74 22.16 2.92
N TRP A 25 0.11 21.40 2.22
CA TRP A 25 0.10 19.95 2.42
C TRP A 25 0.97 19.55 3.60
N LEU A 26 2.12 20.20 3.79
CA LEU A 26 2.87 20.03 5.03
C LEU A 26 1.99 20.28 6.25
N LYS A 27 1.17 21.33 6.19
CA LYS A 27 0.33 21.68 7.32
C LYS A 27 -0.77 20.65 7.52
N GLN A 28 -1.29 20.10 6.43
CA GLN A 28 -2.38 19.13 6.57
C GLN A 28 -1.88 17.77 7.04
N LEU A 29 -0.58 17.50 6.90
CA LEU A 29 -0.05 16.18 7.19
C LEU A 29 0.88 16.16 8.40
N HIS A 30 1.33 17.31 8.88
CA HIS A 30 2.26 17.34 10.00
C HIS A 30 1.69 16.58 11.19
N GLY A 31 2.48 15.65 11.74
CA GLY A 31 2.03 14.83 12.85
C GLY A 31 0.96 13.82 12.51
N LYS A 32 0.72 13.54 11.23
CA LYS A 32 -0.36 12.65 10.84
C LYS A 32 0.25 11.40 10.22
N VAL A 33 -0.52 10.31 10.24
CA VAL A 33 -0.01 9.07 9.66
C VAL A 33 -0.51 8.98 8.22
N VAL A 34 0.36 8.48 7.35
CA VAL A 34 0.08 8.24 5.94
C VAL A 34 0.39 6.76 5.71
N VAL A 35 -0.61 6.00 5.32
CA VAL A 35 -0.38 4.61 4.94
C VAL A 35 -0.06 4.57 3.46
N VAL A 36 1.04 3.91 3.11
CA VAL A 36 1.51 3.84 1.74
C VAL A 36 1.55 2.37 1.34
N LYS A 37 0.70 1.98 0.38
CA LYS A 37 0.78 0.64 -0.18
C LYS A 37 1.78 0.70 -1.31
N TYR A 38 2.77 -0.16 -1.23
CA TYR A 38 3.95 -0.09 -2.06
C TYR A 38 4.04 -1.38 -2.83
N GLY A 39 3.90 -1.29 -4.14
CA GLY A 39 3.97 -2.48 -4.97
C GLY A 39 4.16 -2.08 -6.41
N GLY A 40 4.06 -3.07 -7.29
CA GLY A 40 4.28 -2.77 -8.70
C GLY A 40 5.73 -2.47 -9.01
N ASN A 41 5.94 -1.86 -10.18
CA ASN A 41 7.30 -1.52 -10.62
C ASN A 41 8.02 -0.63 -9.61
N ALA A 42 7.30 0.23 -8.91
CA ALA A 42 7.88 1.08 -7.87
C ALA A 42 8.72 0.27 -6.90
N MET A 43 8.63 -1.07 -7.00
CA MET A 43 9.30 -2.03 -6.16
C MET A 43 10.28 -2.92 -6.92
N THR A 44 10.50 -2.69 -8.22
CA THR A 44 11.42 -3.55 -8.96
C THR A 44 12.54 -2.82 -9.69
N ASP A 45 12.33 -1.55 -10.02
CA ASP A 45 13.39 -0.77 -10.63
C ASP A 45 14.15 -0.04 -9.53
N ASP A 46 15.49 -0.09 -9.62
CA ASP A 46 16.31 0.37 -8.50
C ASP A 46 16.17 1.87 -8.28
N THR A 47 16.13 2.67 -9.35
CA THR A 47 15.96 4.10 -9.20
C THR A 47 14.65 4.41 -8.49
N LEU A 48 13.57 3.77 -8.91
CA LEU A 48 12.27 4.03 -8.30
C LEU A 48 12.27 3.62 -6.84
N ARG A 49 12.82 2.45 -6.52
CA ARG A 49 12.84 1.98 -5.14
C ARG A 49 13.69 2.88 -4.27
N ARG A 50 14.89 3.23 -4.73
CA ARG A 50 15.74 4.10 -3.92
C ARG A 50 15.01 5.42 -3.65
N ALA A 51 14.32 5.95 -4.66
CA ALA A 51 13.55 7.18 -4.46
C ALA A 51 12.38 6.97 -3.53
N PHE A 52 11.73 5.81 -3.61
CA PHE A 52 10.62 5.57 -2.70
C PHE A 52 11.12 5.54 -1.26
N ALA A 53 12.31 4.96 -1.03
CA ALA A 53 12.90 4.92 0.30
C ALA A 53 13.27 6.32 0.79
N ALA A 54 13.92 7.12 -0.06
CA ALA A 54 14.23 8.50 0.28
C ALA A 54 12.99 9.26 0.68
N ASP A 55 11.85 8.93 0.07
CA ASP A 55 10.59 9.67 0.32
C ASP A 55 9.96 9.29 1.66
N MET A 56 10.17 8.05 2.09
CA MET A 56 9.66 7.67 3.42
C MET A 56 10.48 8.47 4.43
N ALA A 57 11.77 8.63 4.17
CA ALA A 57 12.62 9.44 5.06
C ALA A 57 12.19 10.90 4.99
N PHE A 58 11.85 11.40 3.79
CA PHE A 58 11.35 12.76 3.68
C PHE A 58 10.20 13.00 4.64
N LEU A 59 9.16 12.16 4.52
CA LEU A 59 7.98 12.31 5.37
C LEU A 59 8.36 12.35 6.83
N ARG A 60 9.20 11.40 7.25
CA ARG A 60 9.68 11.29 8.63
C ARG A 60 10.49 12.52 9.04
N ASN A 61 11.24 13.11 8.12
CA ASN A 61 11.95 14.33 8.47
C ASN A 61 11.10 15.59 8.32
N CYS A 62 9.80 15.42 8.09
CA CYS A 62 8.85 16.51 8.16
C CYS A 62 7.95 16.38 9.37
N GLY A 63 8.18 15.39 10.23
CA GLY A 63 7.27 15.08 11.32
C GLY A 63 5.99 14.47 10.84
N ILE A 64 6.03 13.78 9.69
CA ILE A 64 4.91 13.02 9.16
C ILE A 64 5.18 11.57 9.49
N HIS A 65 4.12 10.77 9.65
CA HIS A 65 4.26 9.40 10.14
C HIS A 65 3.88 8.39 9.06
N PRO A 66 4.80 8.00 8.19
CA PRO A 66 4.44 7.02 7.14
C PRO A 66 4.40 5.62 7.70
N VAL A 67 3.49 4.82 7.15
CA VAL A 67 3.38 3.38 7.42
C VAL A 67 3.34 2.68 6.07
N VAL A 68 4.26 1.76 5.84
CA VAL A 68 4.43 1.10 4.55
C VAL A 68 3.84 -0.30 4.64
N VAL A 69 2.87 -0.59 3.79
CA VAL A 69 2.35 -1.94 3.58
C VAL A 69 2.78 -2.39 2.19
N HIS A 70 3.44 -3.55 2.12
CA HIS A 70 4.03 -4.04 0.87
C HIS A 70 3.42 -5.38 0.49
N GLY A 71 3.41 -5.66 -0.81
CA GLY A 71 3.02 -6.98 -1.25
C GLY A 71 4.22 -7.72 -1.78
N GLY A 72 4.01 -8.65 -2.69
CA GLY A 72 5.12 -9.37 -3.25
C GLY A 72 4.70 -10.67 -3.87
N GLY A 73 3.52 -10.68 -4.47
CA GLY A 73 2.97 -11.85 -5.10
C GLY A 73 3.92 -12.55 -6.05
N PRO A 74 4.51 -11.81 -7.00
CA PRO A 74 5.38 -12.48 -7.98
C PRO A 74 6.64 -13.08 -7.37
N GLN A 75 7.19 -12.49 -6.30
CA GLN A 75 8.39 -13.09 -5.71
C GLN A 75 8.07 -14.36 -4.95
N ILE A 76 6.84 -14.47 -4.44
CA ILE A 76 6.41 -15.73 -3.82
C ILE A 76 6.35 -16.83 -4.85
N THR A 77 5.63 -16.58 -5.96
CA THR A 77 5.54 -17.58 -7.02
C THR A 77 6.92 -18.00 -7.51
N ALA A 78 7.84 -17.04 -7.65
CA ALA A 78 9.20 -17.41 -8.04
C ALA A 78 9.81 -18.38 -7.04
N MET A 79 9.77 -18.05 -5.74
CA MET A 79 10.37 -18.95 -4.75
C MET A 79 9.65 -20.29 -4.71
N LEU A 80 8.33 -20.28 -4.87
CA LEU A 80 7.60 -21.54 -4.88
C LEU A 80 8.04 -22.40 -6.05
N ARG A 81 8.35 -21.75 -7.18
CA ARG A 81 8.88 -22.47 -8.33
C ARG A 81 10.29 -22.97 -8.05
N ARG A 82 11.16 -22.16 -7.44
CA ARG A 82 12.50 -22.65 -7.17
C ARG A 82 12.51 -23.80 -6.16
N LEU A 83 11.50 -23.88 -5.30
CA LEU A 83 11.40 -25.00 -4.35
C LEU A 83 10.67 -26.20 -4.92
N GLY A 84 10.14 -26.09 -6.15
CA GLY A 84 9.43 -27.21 -6.74
C GLY A 84 8.15 -27.54 -6.03
N ILE A 85 7.52 -26.56 -5.38
CA ILE A 85 6.26 -26.76 -4.69
C ILE A 85 5.14 -26.57 -5.72
N GLU A 86 4.59 -27.67 -6.21
CA GLU A 86 3.54 -27.55 -7.20
C GLU A 86 2.28 -27.02 -6.53
N GLY A 87 1.61 -26.09 -7.20
CA GLY A 87 0.43 -25.48 -6.65
C GLY A 87 -0.83 -26.17 -7.07
N ASP A 88 -1.86 -26.00 -6.27
CA ASP A 88 -3.22 -26.37 -6.61
C ASP A 88 -4.02 -25.08 -6.83
N PHE A 89 -4.85 -25.06 -7.87
CA PHE A 89 -5.54 -23.86 -8.26
C PHE A 89 -7.03 -24.09 -8.35
N LYS A 90 -7.80 -23.23 -7.68
CA LYS A 90 -9.24 -23.15 -7.85
C LYS A 90 -9.55 -21.80 -8.50
N GLY A 91 -10.24 -21.83 -9.63
CA GLY A 91 -10.37 -20.61 -10.41
C GLY A 91 -8.99 -20.09 -10.77
N GLY A 92 -8.81 -18.78 -10.66
CA GLY A 92 -7.50 -18.21 -10.87
C GLY A 92 -6.68 -18.11 -9.59
N PHE A 93 -7.02 -18.89 -8.57
CA PHE A 93 -6.42 -18.72 -7.25
C PHE A 93 -5.55 -19.91 -6.89
N ARG A 94 -4.34 -19.64 -6.44
CA ARG A 94 -3.50 -20.66 -5.83
C ARG A 94 -3.97 -20.96 -4.42
N VAL A 95 -4.19 -22.24 -4.12
CA VAL A 95 -4.53 -22.62 -2.75
C VAL A 95 -3.32 -22.41 -1.84
N THR A 96 -3.53 -21.70 -0.72
CA THR A 96 -2.43 -21.43 0.21
C THR A 96 -2.44 -22.53 1.27
N THR A 97 -1.70 -23.63 0.97
CA THR A 97 -1.47 -24.72 1.92
C THR A 97 -0.64 -24.20 3.10
N PRO A 98 -0.50 -24.95 4.21
CA PRO A 98 0.46 -24.49 5.24
C PRO A 98 1.85 -24.33 4.68
N GLU A 99 2.21 -25.14 3.70
CA GLU A 99 3.56 -25.07 3.07
C GLU A 99 3.71 -23.73 2.32
N VAL A 100 2.69 -23.34 1.57
CA VAL A 100 2.76 -22.09 0.76
C VAL A 100 2.82 -20.90 1.70
N LEU A 101 2.02 -20.92 2.77
CA LEU A 101 2.09 -19.82 3.77
C LEU A 101 3.52 -19.67 4.27
N ASP A 102 4.14 -20.78 4.63
CA ASP A 102 5.51 -20.68 5.20
C ASP A 102 6.42 -19.99 4.19
N VAL A 103 6.29 -20.35 2.92
CA VAL A 103 7.14 -19.71 1.86
C VAL A 103 6.71 -18.26 1.73
N ALA A 104 5.41 -18.00 1.64
CA ALA A 104 4.96 -16.63 1.47
C ALA A 104 5.45 -15.75 2.62
N ARG A 105 5.26 -16.21 3.85
CA ARG A 105 5.76 -15.47 5.01
C ARG A 105 7.26 -15.25 4.93
N MET A 106 8.00 -16.32 4.63
CA MET A 106 9.45 -16.24 4.57
C MET A 106 9.91 -15.30 3.44
N VAL A 107 9.15 -15.22 2.35
CA VAL A 107 9.53 -14.33 1.25
C VAL A 107 9.14 -12.89 1.57
N LEU A 108 7.87 -12.67 1.92
CA LEU A 108 7.38 -11.34 2.26
C LEU A 108 8.21 -10.73 3.39
N PHE A 109 8.29 -11.42 4.52
CA PHE A 109 8.95 -10.88 5.71
C PHE A 109 10.46 -10.98 5.63
N GLY A 110 10.99 -12.10 5.13
CA GLY A 110 12.41 -12.35 5.22
C GLY A 110 13.22 -11.92 4.04
N GLN A 111 12.57 -11.43 2.98
CA GLN A 111 13.29 -10.93 1.83
C GLN A 111 12.76 -9.58 1.35
N VAL A 112 11.48 -9.51 1.02
CA VAL A 112 10.95 -8.29 0.41
C VAL A 112 10.91 -7.17 1.45
N GLY A 113 10.41 -7.47 2.65
CA GLY A 113 10.47 -6.48 3.73
C GLY A 113 11.89 -6.05 4.04
N ARG A 114 12.82 -7.01 4.06
CA ARG A 114 14.21 -6.70 4.41
C ARG A 114 14.82 -5.67 3.47
N GLU A 115 14.54 -5.78 2.16
CA GLU A 115 15.21 -4.89 1.23
C GLU A 115 14.72 -3.46 1.41
N LEU A 116 13.42 -3.29 1.64
CA LEU A 116 12.87 -1.97 1.90
C LEU A 116 13.45 -1.39 3.20
N VAL A 117 13.40 -2.17 4.29
CA VAL A 117 13.93 -1.68 5.56
C VAL A 117 15.36 -1.16 5.38
N ASN A 118 16.18 -1.91 4.63
CA ASN A 118 17.57 -1.53 4.46
C ASN A 118 17.71 -0.28 3.60
N LEU A 119 16.84 -0.13 2.63
CA LEU A 119 16.90 1.03 1.77
C LEU A 119 16.55 2.24 2.58
N ILE A 120 15.41 2.20 3.23
CA ILE A 120 14.99 3.31 4.06
C ILE A 120 16.06 3.64 5.07
N ASN A 121 16.64 2.60 5.71
CA ASN A 121 17.60 2.84 6.82
C ASN A 121 18.94 3.37 6.35
N ALA A 122 19.09 3.65 5.05
CA ALA A 122 20.34 4.31 4.61
C ALA A 122 20.24 5.77 5.03
N HIS A 123 19.03 6.25 5.27
CA HIS A 123 18.79 7.65 5.66
C HIS A 123 18.81 7.82 7.19
N GLY A 124 18.65 6.72 7.93
CA GLY A 124 18.75 6.80 9.40
C GLY A 124 18.01 5.67 10.08
N PRO A 125 17.93 5.66 11.42
CA PRO A 125 17.31 4.55 12.15
C PRO A 125 15.79 4.62 12.13
N TYR A 126 15.17 4.40 10.97
CA TYR A 126 13.70 4.62 10.91
C TYR A 126 12.93 3.33 10.71
N ALA A 127 13.25 2.56 9.68
CA ALA A 127 12.41 1.39 9.33
C ALA A 127 12.50 0.20 10.29
N VAL A 128 11.34 -0.42 10.54
CA VAL A 128 11.28 -1.66 11.37
C VAL A 128 10.29 -2.59 10.67
N GLY A 129 10.68 -3.83 10.39
CA GLY A 129 9.74 -4.74 9.77
C GLY A 129 8.81 -5.37 10.76
N ILE A 130 7.56 -5.57 10.39
CA ILE A 130 6.60 -6.17 11.31
C ILE A 130 5.60 -6.99 10.52
N THR A 131 5.02 -7.99 11.19
CA THR A 131 3.80 -8.63 10.73
C THR A 131 2.75 -8.51 11.82
N GLY A 132 1.54 -8.94 11.50
CA GLY A 132 0.51 -9.08 12.50
C GLY A 132 0.91 -10.01 13.64
N GLU A 133 1.92 -10.88 13.44
CA GLU A 133 2.32 -11.80 14.51
C GLU A 133 3.07 -11.07 15.61
N ASP A 134 3.85 -10.07 15.25
CA ASP A 134 4.69 -9.41 16.23
C ASP A 134 3.81 -8.61 17.18
N ALA A 135 3.99 -8.84 18.49
CA ALA A 135 3.21 -8.16 19.54
C ALA A 135 1.71 -8.24 19.30
N GLN A 136 1.24 -9.21 18.51
CA GLN A 136 -0.18 -9.33 18.17
C GLN A 136 -0.72 -8.02 17.60
N LEU A 137 0.05 -7.44 16.68
CA LEU A 137 -0.28 -6.11 16.18
C LEU A 137 -1.56 -6.13 15.38
N PHE A 138 -1.84 -7.23 14.69
CA PHE A 138 -3.16 -7.35 14.07
C PHE A 138 -3.42 -8.81 13.76
N THR A 139 -4.70 -9.15 13.72
CA THR A 139 -5.13 -10.50 13.44
C THR A 139 -5.78 -10.58 12.07
N ALA A 140 -5.98 -11.81 11.63
CA ALA A 140 -6.61 -12.09 10.36
C ALA A 140 -7.86 -12.93 10.59
N VAL A 141 -8.74 -12.91 9.60
CA VAL A 141 -9.91 -13.77 9.58
C VAL A 141 -9.98 -14.41 8.19
N ARG A 142 -10.09 -15.75 8.17
CA ARG A 142 -10.06 -16.45 6.89
C ARG A 142 -11.16 -15.96 5.98
N ARG A 143 -10.80 -15.71 4.74
CA ARG A 143 -11.72 -15.23 3.72
C ARG A 143 -11.83 -16.27 2.63
N SER A 144 -13.02 -16.44 2.10
CA SER A 144 -13.20 -17.25 0.90
C SER A 144 -13.35 -16.34 -0.31
N VAL A 145 -13.10 -16.90 -1.48
CA VAL A 145 -13.26 -16.17 -2.73
C VAL A 145 -14.46 -16.75 -3.47
N THR A 146 -14.86 -16.06 -4.54
CA THR A 146 -15.96 -16.50 -5.38
C THR A 146 -15.40 -16.95 -6.72
N VAL A 147 -15.53 -18.24 -7.03
CA VAL A 147 -15.26 -18.76 -8.37
C VAL A 147 -16.61 -19.12 -8.99
N ASP A 148 -16.89 -18.53 -10.15
CA ASP A 148 -18.18 -18.71 -10.82
C ASP A 148 -19.34 -18.42 -9.89
N GLY A 149 -19.20 -17.38 -9.07
CA GLY A 149 -20.28 -16.97 -8.19
C GLY A 149 -20.60 -17.90 -7.05
N VAL A 150 -19.75 -18.89 -6.77
CA VAL A 150 -19.86 -19.69 -5.54
C VAL A 150 -18.65 -19.37 -4.68
N ALA A 151 -18.88 -19.21 -3.37
CA ALA A 151 -17.78 -18.91 -2.46
C ALA A 151 -16.95 -20.16 -2.20
N THR A 152 -15.63 -20.01 -2.25
CA THR A 152 -14.73 -21.15 -2.26
C THR A 152 -13.57 -20.92 -1.31
N ASP A 153 -13.15 -22.00 -0.65
CA ASP A 153 -11.98 -21.97 0.21
C ASP A 153 -10.72 -22.11 -0.64
N ILE A 154 -9.75 -21.22 -0.42
CA ILE A 154 -8.45 -21.29 -1.08
C ILE A 154 -7.33 -21.22 -0.04
N GLY A 155 -7.53 -21.87 1.10
CA GLY A 155 -6.45 -22.03 2.05
C GLY A 155 -6.31 -20.88 3.03
N LEU A 156 -5.09 -20.67 3.51
CA LEU A 156 -4.79 -19.76 4.63
C LEU A 156 -4.65 -18.32 4.14
N VAL A 157 -5.77 -17.81 3.63
CA VAL A 157 -5.87 -16.45 3.12
C VAL A 157 -7.00 -15.78 3.88
N GLY A 158 -6.84 -14.50 4.19
CA GLY A 158 -7.92 -13.80 4.84
C GLY A 158 -7.75 -12.31 4.80
N ASP A 159 -8.59 -11.63 5.60
CA ASP A 159 -8.65 -10.19 5.75
C ASP A 159 -8.16 -9.80 7.13
N VAL A 160 -7.69 -8.56 7.24
CA VAL A 160 -7.34 -8.02 8.55
C VAL A 160 -8.60 -8.01 9.41
N ASP A 161 -8.52 -8.66 10.57
CA ASP A 161 -9.69 -8.77 11.47
C ASP A 161 -9.72 -7.61 12.45
N GLN A 162 -8.75 -7.54 13.36
CA GLN A 162 -8.61 -6.44 14.29
C GLN A 162 -7.16 -5.98 14.34
N VAL A 163 -6.97 -4.71 14.69
CA VAL A 163 -5.66 -4.07 14.66
C VAL A 163 -5.39 -3.48 16.04
N ASN A 164 -4.18 -3.67 16.55
CA ASN A 164 -3.78 -3.07 17.83
C ASN A 164 -3.39 -1.62 17.54
N THR A 165 -4.43 -0.80 17.37
CA THR A 165 -4.21 0.61 17.01
C THR A 165 -3.21 1.26 17.93
N ALA A 166 -3.40 1.07 19.24
CA ALA A 166 -2.56 1.74 20.24
C ALA A 166 -1.10 1.37 20.07
N ALA A 167 -0.78 0.07 20.09
CA ALA A 167 0.61 -0.35 19.96
C ALA A 167 1.20 0.06 18.62
N MET A 168 0.38 0.09 17.58
CA MET A 168 0.84 0.55 16.29
C MET A 168 1.26 2.02 16.35
N LEU A 169 0.43 2.87 16.95
CA LEU A 169 0.76 4.29 17.03
C LEU A 169 1.90 4.57 18.02
N ASP A 170 2.12 3.69 18.99
CA ASP A 170 3.31 3.80 19.81
C ASP A 170 4.57 3.64 18.96
N LEU A 171 4.53 2.72 17.99
CA LEU A 171 5.70 2.49 17.15
C LEU A 171 6.07 3.74 16.35
N VAL A 172 5.06 4.45 15.81
CA VAL A 172 5.39 5.61 14.99
C VAL A 172 5.64 6.86 15.81
N ALA A 173 5.08 6.95 17.03
CA ALA A 173 5.45 8.05 17.91
C ALA A 173 6.89 7.93 18.38
N ALA A 174 7.41 6.71 18.46
CA ALA A 174 8.83 6.50 18.76
C ALA A 174 9.72 6.94 17.60
N GLY A 175 9.12 7.41 16.50
CA GLY A 175 9.85 7.82 15.32
C GLY A 175 10.18 6.72 14.33
N ARG A 176 9.44 5.62 14.38
CA ARG A 176 9.80 4.48 13.51
C ARG A 176 8.85 4.40 12.31
N ILE A 177 9.38 4.00 11.16
CA ILE A 177 8.52 3.77 9.97
C ILE A 177 8.27 2.26 9.93
N PRO A 178 7.03 1.79 10.20
CA PRO A 178 6.77 0.39 10.12
C PRO A 178 6.68 -0.16 8.69
N VAL A 179 7.50 -1.15 8.36
CA VAL A 179 7.35 -1.83 7.04
C VAL A 179 6.54 -3.09 7.34
N VAL A 180 5.28 -3.12 6.90
CA VAL A 180 4.36 -4.22 7.29
C VAL A 180 4.26 -5.33 6.25
N SER A 181 4.72 -6.54 6.60
CA SER A 181 4.48 -7.71 5.75
C SER A 181 3.10 -8.20 6.15
N THR A 182 2.17 -8.36 5.20
CA THR A 182 0.76 -8.65 5.52
C THR A 182 0.47 -10.09 5.91
N LEU A 183 1.08 -10.56 6.98
CA LEU A 183 0.74 -11.91 7.49
C LEU A 183 0.23 -11.72 8.92
N ALA A 184 -0.79 -12.45 9.32
CA ALA A 184 -1.36 -12.23 10.65
C ALA A 184 -1.99 -13.52 11.18
N PRO A 185 -1.93 -13.76 12.51
CA PRO A 185 -2.57 -14.92 13.08
C PRO A 185 -4.09 -14.80 13.15
N ASP A 186 -4.82 -15.90 12.97
CA ASP A 186 -6.26 -15.88 13.17
C ASP A 186 -6.49 -16.00 14.67
N ALA A 187 -7.75 -16.13 15.09
CA ALA A 187 -8.03 -16.19 16.52
C ALA A 187 -7.47 -17.43 17.20
N ASP A 188 -7.07 -18.45 16.43
CA ASP A 188 -6.50 -19.67 16.98
C ASP A 188 -4.98 -19.69 16.89
N GLY A 189 -4.37 -18.60 16.45
CA GLY A 189 -2.93 -18.56 16.29
C GLY A 189 -2.37 -19.02 14.95
N VAL A 190 -3.21 -19.39 14.00
CA VAL A 190 -2.72 -19.91 12.73
C VAL A 190 -2.58 -18.76 11.76
N VAL A 191 -1.37 -18.57 11.27
CA VAL A 191 -1.04 -17.40 10.48
C VAL A 191 -1.58 -17.54 9.06
N HIS A 192 -2.20 -16.47 8.57
CA HIS A 192 -2.72 -16.36 7.22
C HIS A 192 -1.95 -15.30 6.44
N ASN A 193 -2.07 -15.36 5.13
CA ASN A 193 -1.54 -14.32 4.25
C ASN A 193 -2.68 -13.39 3.88
N ILE A 194 -2.44 -12.09 3.90
CA ILE A 194 -3.48 -11.11 3.64
C ILE A 194 -3.10 -10.30 2.41
N ASN A 195 -4.05 -10.12 1.49
CA ASN A 195 -3.83 -9.28 0.31
C ASN A 195 -3.39 -7.90 0.77
N ALA A 196 -2.25 -7.44 0.25
CA ALA A 196 -1.64 -6.22 0.77
C ALA A 196 -2.51 -4.98 0.50
N ASP A 197 -3.31 -5.00 -0.57
CA ASP A 197 -4.18 -3.87 -0.86
C ASP A 197 -5.28 -3.74 0.19
N THR A 198 -6.02 -4.81 0.43
CA THR A 198 -7.08 -4.75 1.44
C THR A 198 -6.50 -4.43 2.81
N ALA A 199 -5.29 -4.92 3.07
CA ALA A 199 -4.68 -4.69 4.39
C ALA A 199 -4.29 -3.23 4.55
N ALA A 200 -3.73 -2.61 3.51
CA ALA A 200 -3.36 -1.20 3.62
C ALA A 200 -4.58 -0.35 3.93
N ALA A 201 -5.71 -0.64 3.28
CA ALA A 201 -6.96 0.05 3.59
C ALA A 201 -7.42 -0.22 5.01
N ALA A 202 -7.25 -1.45 5.49
CA ALA A 202 -7.64 -1.75 6.86
C ALA A 202 -6.74 -1.03 7.86
N VAL A 203 -5.43 -0.97 7.58
CA VAL A 203 -4.52 -0.26 8.47
C VAL A 203 -4.76 1.24 8.41
N ALA A 204 -5.00 1.78 7.21
CA ALA A 204 -5.37 3.19 7.11
C ALA A 204 -6.54 3.51 8.04
N GLU A 205 -7.64 2.76 7.90
CA GLU A 205 -8.83 3.06 8.68
C GLU A 205 -8.56 2.96 10.18
N ALA A 206 -7.85 1.91 10.60
CA ALA A 206 -7.66 1.69 12.04
C ALA A 206 -6.71 2.73 12.66
N LEU A 207 -5.71 3.19 11.91
CA LEU A 207 -4.79 4.14 12.51
C LEU A 207 -5.28 5.58 12.42
N GLY A 208 -6.45 5.82 11.84
CA GLY A 208 -6.90 7.19 11.66
C GLY A 208 -6.04 7.94 10.68
N ALA A 209 -5.59 7.26 9.61
CA ALA A 209 -4.66 7.88 8.68
C ALA A 209 -5.29 9.08 7.99
N GLU A 210 -4.45 10.09 7.73
CA GLU A 210 -4.90 11.26 6.96
C GLU A 210 -5.01 10.93 5.47
N LYS A 211 -4.07 10.12 4.95
CA LYS A 211 -4.12 9.70 3.55
C LYS A 211 -3.67 8.25 3.43
N LEU A 212 -4.27 7.56 2.46
CA LEU A 212 -3.81 6.26 1.99
C LEU A 212 -3.32 6.43 0.56
N LEU A 213 -2.05 6.14 0.32
CA LEU A 213 -1.51 6.16 -1.03
C LEU A 213 -1.33 4.72 -1.50
N MET A 214 -1.86 4.43 -2.69
CA MET A 214 -1.73 3.12 -3.31
C MET A 214 -0.96 3.25 -4.62
N LEU A 215 0.31 2.86 -4.61
CA LEU A 215 1.11 2.91 -5.82
C LEU A 215 0.68 1.79 -6.76
N THR A 216 0.45 2.14 -8.03
CA THR A 216 0.14 1.18 -9.08
C THR A 216 1.02 1.48 -10.30
N ASP A 217 0.81 0.72 -11.37
CA ASP A 217 1.60 0.86 -12.59
C ASP A 217 0.84 1.59 -13.70
N ILE A 218 0.12 2.67 -13.38
CA ILE A 218 -0.66 3.39 -14.38
C ILE A 218 -0.82 4.84 -13.93
N ASP A 219 -1.06 5.73 -14.90
CA ASP A 219 -1.24 7.16 -14.63
C ASP A 219 -2.22 7.40 -13.48
N GLY A 220 -3.37 6.77 -13.58
CA GLY A 220 -4.42 6.96 -12.60
C GLY A 220 -5.58 6.10 -13.04
N LEU A 221 -6.77 6.42 -12.53
CA LEU A 221 -7.94 5.64 -12.88
C LEU A 221 -8.62 6.22 -14.11
N TYR A 222 -8.88 5.35 -15.09
CA TYR A 222 -9.69 5.67 -16.26
C TYR A 222 -11.09 5.14 -16.02
N THR A 223 -12.10 6.02 -16.17
CA THR A 223 -13.47 5.62 -15.88
C THR A 223 -14.02 4.68 -16.95
N ARG A 224 -13.59 4.82 -18.19
CA ARG A 224 -14.07 3.98 -19.28
C ARG A 224 -12.84 3.59 -20.11
N TRP A 225 -11.96 2.83 -19.47
CA TRP A 225 -10.76 2.35 -20.14
C TRP A 225 -11.17 1.51 -21.35
N PRO A 226 -10.48 1.72 -22.49
CA PRO A 226 -9.26 2.50 -22.64
C PRO A 226 -9.40 3.93 -23.19
N ASP A 227 -10.55 4.60 -23.04
CA ASP A 227 -10.68 5.97 -23.51
C ASP A 227 -9.71 6.88 -22.78
N ARG A 228 -8.82 7.55 -23.53
CA ARG A 228 -7.86 8.45 -22.91
C ARG A 228 -8.56 9.53 -22.10
N ASP A 229 -9.71 9.99 -22.58
CA ASP A 229 -10.47 11.02 -21.86
C ASP A 229 -11.03 10.49 -20.54
N SER A 230 -11.03 9.19 -20.32
CA SER A 230 -11.58 8.61 -19.10
C SER A 230 -10.81 9.00 -17.84
N LEU A 231 -9.58 9.49 -17.98
CA LEU A 231 -8.76 9.75 -16.81
C LEU A 231 -9.38 10.83 -15.94
N VAL A 232 -9.46 10.57 -14.64
CA VAL A 232 -9.99 11.51 -13.66
C VAL A 232 -8.94 11.74 -12.58
N SER A 233 -8.80 12.99 -12.15
CA SER A 233 -7.83 13.33 -11.11
C SER A 233 -8.45 13.37 -9.71
N GLU A 234 -9.76 13.56 -9.61
CA GLU A 234 -10.45 13.56 -8.33
C GLU A 234 -11.81 12.93 -8.53
N ILE A 235 -12.28 12.19 -7.52
CA ILE A 235 -13.54 11.46 -7.62
C ILE A 235 -13.99 11.09 -6.22
N ASP A 236 -15.30 10.98 -6.03
CA ASP A 236 -15.82 10.69 -4.71
C ASP A 236 -16.31 9.25 -4.63
N THR A 237 -16.55 8.79 -3.40
CA THR A 237 -16.89 7.39 -3.20
C THR A 237 -18.18 7.02 -3.91
N GLY A 238 -19.16 7.90 -3.89
CA GLY A 238 -20.42 7.64 -4.55
C GLY A 238 -20.28 7.31 -6.03
N THR A 239 -19.73 8.23 -6.83
CA THR A 239 -19.55 7.93 -8.25
C THR A 239 -18.60 6.75 -8.44
N LEU A 240 -17.59 6.61 -7.59
CA LEU A 240 -16.57 5.59 -7.82
C LEU A 240 -17.13 4.20 -7.62
N ALA A 241 -17.86 3.99 -6.53
CA ALA A 241 -18.49 2.69 -6.29
C ALA A 241 -19.40 2.30 -7.44
N GLN A 242 -20.01 3.29 -8.11
CA GLN A 242 -20.86 3.00 -9.27
C GLN A 242 -20.04 2.68 -10.51
N LEU A 243 -18.81 3.17 -10.61
CA LEU A 243 -17.95 2.79 -11.71
C LEU A 243 -17.28 1.43 -11.49
N LEU A 244 -17.32 0.90 -10.26
CA LEU A 244 -16.46 -0.24 -9.90
C LEU A 244 -16.74 -1.49 -10.73
N PRO A 245 -17.97 -1.99 -10.84
CA PRO A 245 -18.18 -3.18 -11.67
C PRO A 245 -18.04 -2.90 -13.17
N THR A 246 -17.09 -2.05 -13.54
CA THR A 246 -16.76 -1.83 -14.96
C THR A 246 -15.27 -1.73 -15.25
N LEU A 247 -14.41 -1.46 -14.28
CA LEU A 247 -13.01 -1.18 -14.60
C LEU A 247 -12.24 -2.45 -14.94
N GLU A 248 -10.97 -2.29 -15.30
CA GLU A 248 -10.09 -3.41 -15.55
C GLU A 248 -9.89 -4.22 -14.28
N SER A 249 -9.60 -5.51 -14.46
CA SER A 249 -9.42 -6.39 -13.31
C SER A 249 -8.24 -5.95 -12.45
N GLY A 250 -7.26 -5.26 -13.04
CA GLY A 250 -6.09 -4.85 -12.29
C GLY A 250 -6.37 -3.78 -11.25
N MET A 251 -7.45 -3.01 -11.41
CA MET A 251 -7.72 -1.88 -10.55
C MET A 251 -8.89 -2.09 -9.58
N VAL A 252 -9.70 -3.14 -9.78
CA VAL A 252 -10.76 -3.42 -8.83
C VAL A 252 -10.26 -3.52 -7.39
N PRO A 253 -9.17 -4.24 -7.10
CA PRO A 253 -8.71 -4.28 -5.70
C PRO A 253 -8.18 -2.94 -5.20
N LYS A 254 -7.43 -2.22 -6.04
CA LYS A 254 -6.92 -0.91 -5.63
C LYS A 254 -8.05 0.09 -5.39
N VAL A 255 -9.16 -0.05 -6.11
CA VAL A 255 -10.31 0.83 -5.91
C VAL A 255 -11.11 0.42 -4.68
N GLU A 256 -11.38 -0.88 -4.53
CA GLU A 256 -12.12 -1.34 -3.36
C GLU A 256 -11.41 -0.91 -2.08
N ALA A 257 -10.08 -0.94 -2.09
CA ALA A 257 -9.32 -0.47 -0.93
C ALA A 257 -9.58 1.01 -0.67
N CYS A 258 -9.51 1.83 -1.73
CA CYS A 258 -9.77 3.26 -1.57
C CYS A 258 -11.18 3.52 -1.06
N LEU A 259 -12.18 2.81 -1.61
CA LEU A 259 -13.54 2.94 -1.10
C LEU A 259 -13.60 2.60 0.39
N ARG A 260 -13.12 1.41 0.76
CA ARG A 260 -13.19 0.99 2.16
C ARG A 260 -12.50 1.99 3.07
N ALA A 261 -11.34 2.51 2.64
CA ALA A 261 -10.60 3.46 3.46
C ALA A 261 -11.37 4.77 3.61
N VAL A 262 -11.71 5.42 2.50
CA VAL A 262 -12.31 6.75 2.57
C VAL A 262 -13.65 6.70 3.29
N ILE A 263 -14.47 5.69 2.99
CA ILE A 263 -15.70 5.52 3.76
C ILE A 263 -15.39 5.19 5.20
N GLY A 264 -14.29 4.50 5.44
CA GLY A 264 -13.86 4.24 6.81
C GLY A 264 -13.39 5.45 7.57
N GLY A 265 -13.41 6.65 6.97
CA GLY A 265 -13.06 7.89 7.63
C GLY A 265 -11.75 8.49 7.17
N VAL A 266 -10.97 7.79 6.36
CA VAL A 266 -9.72 8.33 5.86
C VAL A 266 -10.05 9.47 4.90
N PRO A 267 -9.59 10.69 5.17
CA PRO A 267 -10.05 11.84 4.35
C PRO A 267 -9.82 11.66 2.86
N SER A 268 -8.71 11.06 2.44
CA SER A 268 -8.52 10.85 1.01
C SER A 268 -7.60 9.66 0.77
N ALA A 269 -7.92 8.89 -0.26
CA ALA A 269 -7.08 7.81 -0.77
C ALA A 269 -6.60 8.16 -2.17
N HIS A 270 -5.39 7.74 -2.52
CA HIS A 270 -4.76 8.19 -3.76
C HIS A 270 -4.21 6.99 -4.52
N ILE A 271 -4.62 6.87 -5.78
CA ILE A 271 -4.11 5.85 -6.70
C ILE A 271 -3.08 6.55 -7.57
N ILE A 272 -1.79 6.33 -7.28
CA ILE A 272 -0.76 7.12 -7.92
C ILE A 272 0.16 6.22 -8.71
N ASP A 273 0.87 6.85 -9.65
CA ASP A 273 1.70 6.16 -10.63
C ASP A 273 3.05 5.82 -10.01
N GLY A 274 3.23 4.55 -9.65
CA GLY A 274 4.51 4.10 -9.13
C GLY A 274 5.65 4.07 -10.13
N ARG A 275 5.36 4.39 -11.40
CA ARG A 275 6.44 4.51 -12.37
C ARG A 275 7.08 5.88 -12.38
N VAL A 276 6.45 6.85 -11.74
CA VAL A 276 6.98 8.20 -11.62
C VAL A 276 7.95 8.24 -10.45
N THR A 277 9.18 8.65 -10.71
CA THR A 277 10.16 8.80 -9.64
C THR A 277 9.65 9.78 -8.59
N HIS A 278 9.82 9.40 -7.32
CA HIS A 278 9.34 10.22 -6.20
C HIS A 278 7.85 10.51 -6.36
N CYS A 279 7.08 9.52 -6.80
CA CYS A 279 5.65 9.75 -6.94
C CYS A 279 5.00 10.14 -5.61
N VAL A 280 5.53 9.63 -4.49
CA VAL A 280 4.98 10.03 -3.19
C VAL A 280 5.09 11.54 -3.00
N LEU A 281 6.30 12.10 -3.16
CA LEU A 281 6.47 13.54 -2.99
C LEU A 281 5.54 14.33 -3.91
N VAL A 282 5.37 13.85 -5.14
CA VAL A 282 4.55 14.64 -6.11
C VAL A 282 3.09 14.64 -5.66
N GLU A 283 2.54 13.49 -5.28
CA GLU A 283 1.09 13.50 -4.94
C GLU A 283 0.86 14.27 -3.65
N LEU A 284 1.78 14.18 -2.70
CA LEU A 284 1.54 14.79 -1.38
C LEU A 284 1.81 16.29 -1.39
N PHE A 285 2.93 16.74 -1.93
CA PHE A 285 3.31 18.16 -1.80
C PHE A 285 3.05 19.00 -3.06
N THR A 286 2.25 18.49 -4.00
CA THR A 286 1.87 19.33 -5.16
C THR A 286 0.35 19.34 -5.25
N ASP A 287 -0.21 20.47 -5.67
CA ASP A 287 -1.69 20.60 -5.75
C ASP A 287 -2.21 19.64 -6.81
N ALA A 288 -1.51 19.54 -7.94
CA ALA A 288 -1.98 18.71 -9.06
C ALA A 288 -1.85 17.22 -8.72
N GLY A 289 -0.73 16.82 -8.11
CA GLY A 289 -0.55 15.40 -7.86
C GLY A 289 -0.09 14.62 -9.10
N THR A 290 -0.11 13.29 -8.95
CA THR A 290 0.23 12.38 -10.04
C THR A 290 -0.61 11.10 -9.94
N GLY A 291 -1.91 11.26 -9.75
CA GLY A 291 -2.78 10.11 -9.67
C GLY A 291 -4.22 10.55 -9.54
N THR A 292 -5.04 9.65 -9.02
CA THR A 292 -6.44 9.94 -8.74
C THR A 292 -6.64 10.05 -7.23
N LYS A 293 -7.23 11.17 -6.80
CA LYS A 293 -7.57 11.42 -5.41
C LYS A 293 -9.04 11.04 -5.19
N VAL A 294 -9.30 10.23 -4.18
CA VAL A 294 -10.66 9.79 -3.86
C VAL A 294 -11.07 10.41 -2.53
N VAL A 295 -12.23 11.07 -2.51
CA VAL A 295 -12.80 11.68 -1.32
C VAL A 295 -14.22 11.15 -1.15
N ARG A 296 -14.85 11.49 -0.03
CA ARG A 296 -16.23 11.06 0.17
C ARG A 296 -17.18 12.10 -0.43
N GLY A 297 -18.36 11.63 -0.85
CA GLY A 297 -19.36 12.50 -1.44
C GLY A 297 -20.56 11.76 -1.99
#